data_7MX8
#
_entry.id   7MX8
#
_cell.length_a   55.716
_cell.length_b   73.037
_cell.length_c   125.000
_cell.angle_alpha   90.000
_cell.angle_beta   90.000
_cell.angle_gamma   90.000
#
_symmetry.space_group_name_H-M   'P 21 21 21'
#
loop_
_entity.id
_entity.type
_entity.pdbx_description
1 polymer 'E7M03 Fab Heavy Chain'
2 polymer 'E7M03 Fab Light Chain'
3 water water
#
loop_
_entity_poly.entity_id
_entity_poly.type
_entity_poly.pdbx_seq_one_letter_code
_entity_poly.pdbx_strand_id
1 'polypeptide(L)'
;MKHLWFFLLLVAAPRWVLSQVQVQQWGAGLLKPSETLSLTCAVYGGSFSGYYWSWIRQPPGKGLEWIGEINHRGSTNYNP
SLKSRVSISVDTSKNQVSLKLSSVTATDTAVYYCAFAYLWGSYRRRADYWGQGTLVTVVSRRLPPSVFPLAPSSKSTSGG
TAALGCLVKDYFPEPVTVSWNSGALTSGVHTFPAVLQSSGLYSLSSVVTVPSSSLGTQTYICNVNHKPSNTKVDKRVEPK
SCDKTSGRHHHHHHGLNDIFEAQKIEWHE
;
H
2 'polypeptide(L)'
;MEAPAQLLFLLLLWLPDTTGEIVLTQSPATLSLSPGERATLSCRASQSVSSYLAWYQQKPGQAPRLLIYDASNRATGIPA
RFSGSGSGTDFTLTISSLEPEDFAVYYCQQRSNWPPTYTFGQGTKLEIKRTVAAPSVFIFPPSDEQLKSGTASVVCLLNN
FYPREAKVQWKVDNALQSGNSQESVTEQDSKDSTYSLSSTLTLSKADYEKHKVYACEVTHQGLSSPVTKSFNRGEC
;
L
#
# COMPACT_ATOMS: atom_id res chain seq x y z
N VAL A 21 -2.88 26.45 -1.58
CA VAL A 21 -3.85 25.70 -2.38
C VAL A 21 -3.93 24.26 -1.89
N GLN A 22 -5.13 23.82 -1.54
CA GLN A 22 -5.32 22.51 -0.95
C GLN A 22 -6.68 21.97 -1.36
N VAL A 23 -6.76 20.65 -1.55
CA VAL A 23 -7.99 19.97 -1.95
C VAL A 23 -8.46 19.12 -0.78
N GLN A 24 -9.75 19.23 -0.45
CA GLN A 24 -10.36 18.46 0.64
C GLN A 24 -11.39 17.51 0.07
N GLN A 25 -11.39 16.26 0.54
CA GLN A 25 -12.37 15.26 0.11
C GLN A 25 -13.34 14.89 1.24
N TRP A 26 -14.60 14.67 0.89
CA TRP A 26 -15.65 14.24 1.80
C TRP A 26 -16.42 13.10 1.18
N GLY A 27 -17.08 12.32 2.03
CA GLY A 27 -18.08 11.38 1.57
C GLY A 27 -17.96 10.00 2.21
N ALA A 28 -19.10 9.31 2.32
CA ALA A 28 -19.13 7.99 2.94
C ALA A 28 -18.43 6.96 2.06
N GLY A 29 -17.67 6.07 2.69
CA GLY A 29 -16.92 5.09 1.93
C GLY A 29 -17.25 3.64 2.19
N LEU A 30 -18.17 3.36 3.10
CA LEU A 30 -18.62 2.00 3.36
C LEU A 30 -20.04 1.86 2.83
N LEU A 31 -20.22 1.03 1.80
CA LEU A 31 -21.47 0.95 1.04
C LEU A 31 -21.86 -0.51 0.85
N LYS A 32 -23.13 -0.74 0.56
CA LYS A 32 -23.56 -2.07 0.18
C LYS A 32 -23.78 -2.14 -1.33
N PRO A 33 -23.71 -3.34 -1.92
CA PRO A 33 -23.97 -3.48 -3.35
C PRO A 33 -25.34 -2.90 -3.72
N SER A 34 -25.40 -2.34 -4.93
CA SER A 34 -26.52 -1.61 -5.52
C SER A 34 -26.72 -0.21 -4.94
N GLU A 35 -26.00 0.17 -3.88
CA GLU A 35 -26.13 1.54 -3.39
C GLU A 35 -25.44 2.53 -4.34
N THR A 36 -25.55 3.81 -4.02
CA THR A 36 -25.01 4.87 -4.87
C THR A 36 -23.87 5.57 -4.15
N LEU A 37 -22.69 5.52 -4.74
CA LEU A 37 -21.55 6.24 -4.21
C LEU A 37 -21.77 7.75 -4.41
N SER A 38 -21.40 8.53 -3.41
CA SER A 38 -21.58 9.97 -3.46
C SER A 38 -20.44 10.65 -2.74
N LEU A 39 -19.56 11.32 -3.50
CA LEU A 39 -18.38 11.97 -2.98
C LEU A 39 -18.37 13.44 -3.38
N THR A 40 -17.65 14.26 -2.62
CA THR A 40 -17.53 15.66 -2.98
C THR A 40 -16.17 16.20 -2.50
N CYS A 41 -15.65 17.17 -3.24
CA CYS A 41 -14.38 17.81 -2.93
C CYS A 41 -14.47 19.31 -3.10
N ALA A 42 -13.60 20.06 -2.42
CA ALA A 42 -13.48 21.48 -2.68
C ALA A 42 -12.01 21.87 -2.58
N VAL A 43 -11.66 22.97 -3.26
CA VAL A 43 -10.30 23.48 -3.28
C VAL A 43 -10.29 24.89 -2.70
N TYR A 44 -9.23 25.19 -1.96
CA TYR A 44 -9.12 26.38 -1.12
C TYR A 44 -7.93 27.22 -1.55
N GLY A 45 -8.19 28.50 -1.81
CA GLY A 45 -7.16 29.49 -1.55
C GLY A 45 -6.26 30.01 -2.63
N GLY A 46 -6.66 29.91 -3.89
CA GLY A 46 -6.18 30.86 -4.88
C GLY A 46 -7.32 31.47 -5.65
N SER A 47 -6.99 32.45 -6.43
CA SER A 47 -7.95 32.81 -7.44
C SER A 47 -7.82 31.70 -8.42
N PHE A 48 -8.86 31.51 -9.23
CA PHE A 48 -8.77 30.63 -10.39
C PHE A 48 -9.46 31.30 -11.57
N SER A 49 -8.93 31.08 -12.76
CA SER A 49 -9.78 31.28 -13.92
C SER A 49 -10.42 29.91 -14.18
N GLY A 50 -10.61 29.58 -15.46
CA GLY A 50 -11.03 28.23 -15.81
C GLY A 50 -10.20 27.14 -15.18
N TYR A 51 -10.79 25.94 -15.13
CA TYR A 51 -10.09 24.82 -14.53
C TYR A 51 -10.76 23.52 -14.95
N TYR A 52 -10.15 22.41 -14.52
CA TYR A 52 -10.65 21.07 -14.76
C TYR A 52 -10.56 20.30 -13.46
N TRP A 53 -11.60 19.56 -13.14
CA TRP A 53 -11.62 18.59 -12.06
C TRP A 53 -11.64 17.20 -12.68
N SER A 54 -10.88 16.28 -12.12
CA SER A 54 -10.92 14.90 -12.59
C SER A 54 -11.14 13.94 -11.42
N TRP A 55 -11.84 12.84 -11.70
CA TRP A 55 -11.98 11.75 -10.73
C TRP A 55 -11.23 10.54 -11.27
N ILE A 56 -10.41 9.94 -10.40
CA ILE A 56 -9.56 8.80 -10.70
C ILE A 56 -9.65 7.86 -9.50
N ARG A 57 -9.72 6.56 -9.76
CA ARG A 57 -9.78 5.60 -8.66
C ARG A 57 -8.65 4.58 -8.76
N GLN A 58 -8.32 3.98 -7.62
CA GLN A 58 -7.24 3.01 -7.52
C GLN A 58 -7.68 1.85 -6.64
N PRO A 59 -8.07 0.72 -7.23
CA PRO A 59 -8.38 -0.45 -6.42
C PRO A 59 -7.17 -0.87 -5.63
N PRO A 60 -7.35 -1.43 -4.43
CA PRO A 60 -6.21 -1.82 -3.60
C PRO A 60 -5.20 -2.69 -4.35
N GLY A 61 -3.93 -2.25 -4.32
CA GLY A 61 -2.86 -2.96 -4.99
C GLY A 61 -2.90 -2.98 -6.52
N LYS A 62 -3.78 -2.21 -7.15
CA LYS A 62 -3.85 -2.18 -8.61
C LYS A 62 -3.44 -0.79 -9.13
N GLY A 63 -3.59 -0.60 -10.43
CA GLY A 63 -3.25 0.65 -11.06
C GLY A 63 -4.38 1.65 -11.03
N LEU A 64 -4.18 2.75 -11.75
CA LEU A 64 -5.12 3.87 -11.78
C LEU A 64 -6.12 3.72 -12.93
N GLU A 65 -7.37 4.10 -12.66
CA GLU A 65 -8.46 4.09 -13.63
C GLU A 65 -9.16 5.43 -13.61
N TRP A 66 -9.19 6.10 -14.77
CA TRP A 66 -9.80 7.42 -14.93
C TRP A 66 -11.31 7.27 -14.97
N ILE A 67 -12.01 8.11 -14.22
CA ILE A 67 -13.47 8.08 -14.13
C ILE A 67 -14.09 9.10 -15.06
N GLY A 68 -13.57 10.32 -15.05
CA GLY A 68 -14.14 11.38 -15.85
C GLY A 68 -13.66 12.73 -15.36
N GLU A 69 -14.11 13.76 -16.05
CA GLU A 69 -13.63 15.11 -15.79
C GLU A 69 -14.74 16.11 -16.11
N ILE A 70 -14.59 17.31 -15.58
CA ILE A 70 -15.56 18.40 -15.75
C ILE A 70 -14.78 19.70 -15.66
N ASN A 71 -15.12 20.68 -16.51
CA ASN A 71 -14.47 21.97 -16.43
C ASN A 71 -15.37 22.98 -15.72
N HIS A 72 -14.84 24.19 -15.51
CA HIS A 72 -15.58 25.25 -14.83
C HIS A 72 -16.87 25.63 -15.55
N ARG A 73 -16.98 25.28 -16.83
CA ARG A 73 -18.17 25.52 -17.62
C ARG A 73 -19.19 24.39 -17.51
N GLY A 74 -18.85 23.31 -16.79
CA GLY A 74 -19.75 22.20 -16.60
C GLY A 74 -19.74 21.15 -17.70
N SER A 75 -18.88 21.30 -18.72
CA SER A 75 -18.74 20.24 -19.72
C SER A 75 -18.01 19.04 -19.13
N THR A 76 -18.56 17.85 -19.34
CA THR A 76 -18.05 16.61 -18.75
C THR A 76 -17.60 15.63 -19.82
N ASN A 77 -16.54 14.87 -19.52
CA ASN A 77 -16.16 13.69 -20.28
C ASN A 77 -16.08 12.51 -19.33
N TYR A 78 -16.61 11.36 -19.73
CA TYR A 78 -16.69 10.18 -18.87
C TYR A 78 -15.99 8.98 -19.49
N ASN A 79 -15.48 8.12 -18.62
CA ASN A 79 -15.04 6.80 -19.02
C ASN A 79 -16.26 6.00 -19.49
N PRO A 80 -16.31 5.55 -20.74
CA PRO A 80 -17.51 4.87 -21.23
C PRO A 80 -17.80 3.52 -20.57
N SER A 81 -16.83 2.92 -19.88
CA SER A 81 -17.13 1.67 -19.17
C SER A 81 -17.93 1.93 -17.90
N LEU A 82 -17.85 3.13 -17.34
CA LEU A 82 -18.72 3.51 -16.23
C LEU A 82 -19.94 4.26 -16.69
N LYS A 83 -19.80 5.01 -17.78
CA LYS A 83 -20.89 5.78 -18.35
C LYS A 83 -22.19 4.99 -18.30
N SER A 84 -23.24 5.66 -17.85
CA SER A 84 -24.58 5.17 -17.52
C SER A 84 -24.72 4.93 -16.01
N ARG A 85 -23.62 4.89 -15.26
CA ARG A 85 -23.69 4.82 -13.81
C ARG A 85 -23.15 6.06 -13.14
N VAL A 86 -22.52 6.96 -13.88
CA VAL A 86 -21.62 7.95 -13.32
C VAL A 86 -22.21 9.34 -13.57
N SER A 87 -22.00 10.24 -12.62
CA SER A 87 -22.36 11.63 -12.84
C SER A 87 -21.39 12.49 -12.05
N ILE A 88 -20.93 13.58 -12.68
CA ILE A 88 -19.99 14.53 -12.08
C ILE A 88 -20.58 15.91 -12.26
N SER A 89 -20.52 16.73 -11.21
CA SER A 89 -21.08 18.07 -11.27
C SER A 89 -20.16 19.02 -10.53
N VAL A 90 -20.36 20.31 -10.75
CA VAL A 90 -19.58 21.33 -10.06
C VAL A 90 -20.57 22.23 -9.34
N ASP A 91 -20.08 22.87 -8.29
CA ASP A 91 -20.70 24.09 -7.76
C ASP A 91 -19.62 25.16 -7.78
N THR A 92 -19.63 26.01 -8.81
CA THR A 92 -18.56 27.00 -8.98
C THR A 92 -18.62 28.12 -7.94
N SER A 93 -19.66 28.16 -7.12
CA SER A 93 -19.75 29.20 -6.09
C SER A 93 -18.67 29.06 -5.04
N LYS A 94 -18.17 27.84 -4.85
CA LYS A 94 -17.23 27.55 -3.77
C LYS A 94 -16.14 26.56 -4.20
N ASN A 95 -15.93 26.41 -5.51
CA ASN A 95 -14.87 25.55 -6.04
C ASN A 95 -15.07 24.10 -5.63
N GLN A 96 -16.32 23.62 -5.72
CA GLN A 96 -16.72 22.29 -5.27
C GLN A 96 -16.99 21.38 -6.46
N VAL A 97 -16.63 20.10 -6.33
CA VAL A 97 -16.92 19.10 -7.35
C VAL A 97 -17.53 17.90 -6.65
N SER A 98 -18.35 17.14 -7.37
CA SER A 98 -19.03 16.01 -6.78
C SER A 98 -19.06 14.84 -7.76
N LEU A 99 -19.01 13.64 -7.21
CA LEU A 99 -19.09 12.41 -7.98
C LEU A 99 -20.20 11.55 -7.42
N LYS A 100 -21.05 11.04 -8.30
CA LYS A 100 -22.01 10.02 -7.92
C LYS A 100 -21.83 8.83 -8.85
N LEU A 101 -21.82 7.63 -8.26
CA LEU A 101 -21.69 6.38 -8.99
C LEU A 101 -22.74 5.43 -8.45
N SER A 102 -23.66 5.01 -9.32
CA SER A 102 -24.83 4.26 -8.90
C SER A 102 -24.62 2.77 -9.17
N SER A 103 -25.44 1.96 -8.50
CA SER A 103 -25.45 0.51 -8.68
C SER A 103 -24.05 -0.09 -8.46
N VAL A 104 -23.48 0.20 -7.29
CA VAL A 104 -22.08 -0.20 -7.06
C VAL A 104 -22.03 -1.68 -6.71
N THR A 105 -20.92 -2.32 -7.09
CA THR A 105 -20.59 -3.69 -6.72
C THR A 105 -19.16 -3.73 -6.20
N ALA A 106 -18.72 -4.93 -5.84
CA ALA A 106 -17.39 -5.10 -5.25
C ALA A 106 -16.29 -4.59 -6.16
N THR A 107 -16.46 -4.72 -7.48
CA THR A 107 -15.43 -4.23 -8.37
C THR A 107 -15.29 -2.71 -8.36
N ASP A 108 -16.16 -1.99 -7.64
CA ASP A 108 -16.02 -0.54 -7.49
C ASP A 108 -15.25 -0.16 -6.24
N THR A 109 -14.82 -1.14 -5.44
CA THR A 109 -13.99 -0.85 -4.27
C THR A 109 -12.64 -0.33 -4.73
N ALA A 110 -12.19 0.77 -4.13
CA ALA A 110 -11.08 1.53 -4.65
C ALA A 110 -10.93 2.78 -3.80
N VAL A 111 -9.75 3.38 -3.87
CA VAL A 111 -9.53 4.73 -3.38
C VAL A 111 -9.90 5.69 -4.51
N TYR A 112 -10.78 6.64 -4.22
CA TYR A 112 -11.25 7.60 -5.20
C TYR A 112 -10.58 8.94 -4.95
N TYR A 113 -9.91 9.47 -5.97
CA TYR A 113 -9.20 10.74 -5.92
C TYR A 113 -9.92 11.76 -6.78
N CYS A 114 -10.01 12.99 -6.28
CA CYS A 114 -10.38 14.13 -7.10
C CYS A 114 -9.13 15.00 -7.33
N ALA A 115 -8.92 15.41 -8.58
CA ALA A 115 -7.76 16.22 -8.93
C ALA A 115 -8.21 17.54 -9.56
N PHE A 116 -7.62 18.64 -9.09
CA PHE A 116 -7.93 19.99 -9.55
C PHE A 116 -6.75 20.55 -10.33
N ALA A 117 -7.02 21.07 -11.54
CA ALA A 117 -5.95 21.58 -12.39
C ALA A 117 -6.38 22.88 -13.06
N TYR A 118 -5.45 23.84 -13.16
CA TYR A 118 -5.68 25.09 -13.88
C TYR A 118 -4.38 25.54 -14.52
N LEU A 119 -4.47 26.59 -15.35
CA LEU A 119 -3.32 27.24 -15.95
C LEU A 119 -3.17 28.63 -15.36
N TRP A 120 -1.93 28.99 -15.01
CA TRP A 120 -1.69 30.27 -14.39
C TRP A 120 -0.44 30.91 -15.01
N GLY A 121 -0.35 32.22 -14.88
CA GLY A 121 0.83 32.94 -15.25
C GLY A 121 0.87 33.22 -16.74
N SER A 122 1.85 34.06 -17.13
CA SER A 122 1.98 34.44 -18.53
C SER A 122 2.30 33.25 -19.41
N TYR A 123 2.94 32.21 -18.86
CA TYR A 123 3.27 31.02 -19.63
C TYR A 123 2.21 29.93 -19.57
N ARG A 124 1.09 30.19 -18.91
CA ARG A 124 -0.04 29.24 -18.89
C ARG A 124 0.44 27.85 -18.43
N ARG A 125 1.25 27.84 -17.39
CA ARG A 125 1.76 26.58 -16.86
C ARG A 125 0.66 25.84 -16.09
N ARG A 126 0.64 24.52 -16.26
CA ARG A 126 -0.37 23.69 -15.60
C ARG A 126 0.02 23.46 -14.14
N ALA A 127 -0.89 23.78 -13.25
CA ALA A 127 -0.79 23.42 -11.84
C ALA A 127 -1.87 22.39 -11.53
N ASP A 128 -1.52 21.40 -10.72
CA ASP A 128 -2.31 20.18 -10.59
C ASP A 128 -2.27 19.74 -9.14
N TYR A 129 -3.43 19.45 -8.53
CA TYR A 129 -3.48 19.10 -7.12
C TYR A 129 -4.46 17.96 -6.87
N TRP A 130 -4.00 16.89 -6.23
CA TRP A 130 -4.87 15.76 -5.92
C TRP A 130 -5.27 15.81 -4.45
N GLY A 131 -6.53 15.46 -4.16
CA GLY A 131 -6.90 15.17 -2.80
C GLY A 131 -6.23 13.90 -2.32
N GLN A 132 -6.33 13.63 -1.02
CA GLN A 132 -5.64 12.43 -0.55
C GLN A 132 -6.47 11.17 -0.71
N GLY A 133 -7.66 11.28 -1.29
CA GLY A 133 -8.43 10.08 -1.64
C GLY A 133 -9.41 9.67 -0.56
N THR A 134 -10.50 9.02 -1.01
CA THR A 134 -11.49 8.41 -0.16
C THR A 134 -11.55 6.91 -0.47
N LEU A 135 -11.21 6.09 0.51
CA LEU A 135 -11.39 4.65 0.38
C LEU A 135 -12.88 4.31 0.36
N VAL A 136 -13.31 3.67 -0.73
CA VAL A 136 -14.69 3.21 -0.87
C VAL A 136 -14.68 1.68 -0.88
N THR A 137 -15.43 1.07 0.04
CA THR A 137 -15.53 -0.38 0.16
C THR A 137 -16.99 -0.82 0.01
N VAL A 138 -17.25 -1.64 -1.00
CA VAL A 138 -18.60 -2.17 -1.26
C VAL A 138 -18.63 -3.63 -0.79
N VAL A 139 -19.31 -3.89 0.33
CA VAL A 139 -19.49 -5.25 0.84
C VAL A 139 -20.91 -5.46 1.34
N SER A 140 -21.37 -6.70 1.27
CA SER A 140 -22.64 -7.11 1.84
C SER A 140 -22.47 -7.85 3.16
N ARG A 141 -21.23 -8.09 3.57
CA ARG A 141 -20.91 -8.89 4.74
C ARG A 141 -19.72 -8.28 5.47
N ARG A 142 -19.55 -8.72 6.72
CA ARG A 142 -18.60 -8.20 7.67
C ARG A 142 -18.17 -9.34 8.58
N LEU A 143 -16.87 -9.46 8.86
CA LEU A 143 -16.41 -10.36 9.91
C LEU A 143 -15.23 -9.72 10.63
N PRO A 144 -15.34 -9.45 11.93
CA PRO A 144 -14.27 -8.74 12.64
C PRO A 144 -13.05 -9.62 12.85
N PRO A 145 -11.87 -9.03 13.03
CA PRO A 145 -10.67 -9.82 13.33
C PRO A 145 -10.62 -10.35 14.74
N SER A 146 -9.94 -11.48 14.87
CA SER A 146 -9.46 -11.92 16.16
C SER A 146 -7.99 -11.49 16.29
N VAL A 147 -7.68 -10.85 17.41
CA VAL A 147 -6.37 -10.27 17.65
C VAL A 147 -5.68 -11.11 18.70
N PHE A 148 -4.47 -11.58 18.40
CA PHE A 148 -3.73 -12.40 19.34
C PHE A 148 -2.34 -11.82 19.54
N PRO A 149 -1.80 -11.88 20.76
CA PRO A 149 -0.47 -11.30 20.98
C PRO A 149 0.64 -12.19 20.44
N LEU A 150 1.70 -11.53 19.95
CA LEU A 150 2.95 -12.15 19.55
C LEU A 150 3.97 -11.75 20.61
N ALA A 151 4.21 -12.62 21.56
CA ALA A 151 4.90 -12.23 22.77
C ALA A 151 6.40 -12.13 22.52
N PRO A 152 7.05 -11.09 23.03
CA PRO A 152 8.52 -11.08 23.01
C PRO A 152 9.03 -12.15 23.97
N SER A 153 10.10 -12.79 23.58
CA SER A 153 10.73 -13.85 24.36
C SER A 153 12.21 -13.85 24.02
N SER A 154 12.96 -14.82 24.56
CA SER A 154 14.34 -14.98 24.12
C SER A 154 14.40 -15.21 22.62
N LYS A 155 13.32 -15.73 22.03
CA LYS A 155 13.20 -16.08 20.62
C LYS A 155 12.93 -14.88 19.71
N SER A 156 12.81 -13.66 20.25
CA SER A 156 12.62 -12.47 19.42
C SER A 156 13.51 -11.33 19.88
N THR A 157 14.61 -11.63 20.58
CA THR A 157 15.52 -10.62 21.11
C THR A 157 16.79 -10.54 20.27
N SER A 158 17.29 -9.33 20.09
CA SER A 158 18.62 -9.11 19.54
C SER A 158 19.24 -7.92 20.27
N GLY A 159 20.36 -8.18 20.96
CA GLY A 159 21.18 -7.17 21.61
C GLY A 159 20.50 -5.97 22.25
N GLY A 160 19.74 -6.19 23.32
CA GLY A 160 19.06 -5.13 24.02
C GLY A 160 17.66 -4.81 23.53
N THR A 161 17.28 -5.30 22.36
CA THR A 161 15.96 -5.09 21.79
C THR A 161 15.21 -6.41 21.67
N ALA A 162 13.88 -6.32 21.67
CA ALA A 162 13.06 -7.49 21.42
C ALA A 162 11.91 -7.08 20.52
N ALA A 163 11.55 -7.97 19.60
CA ALA A 163 10.39 -7.75 18.73
C ALA A 163 9.14 -8.35 19.37
N LEU A 164 8.04 -7.60 19.35
CA LEU A 164 6.73 -8.10 19.78
C LEU A 164 5.68 -7.61 18.78
N GLY A 165 4.48 -8.18 18.85
CA GLY A 165 3.46 -7.73 17.92
C GLY A 165 2.10 -8.34 18.21
N CYS A 166 1.22 -8.19 17.22
CA CYS A 166 -0.14 -8.67 17.27
C CYS A 166 -0.46 -9.34 15.96
N LEU A 167 -1.12 -10.49 16.01
CA LEU A 167 -1.63 -11.17 14.83
C LEU A 167 -3.10 -10.82 14.71
N VAL A 168 -3.50 -10.39 13.53
CA VAL A 168 -4.85 -9.91 13.27
C VAL A 168 -5.46 -10.90 12.27
N LYS A 169 -6.27 -11.82 12.77
CA LYS A 169 -6.60 -13.04 12.05
C LYS A 169 -8.02 -13.03 11.50
N ASP A 170 -8.16 -13.31 10.21
CA ASP A 170 -9.41 -13.76 9.58
C ASP A 170 -10.52 -12.72 9.73
N TYR A 171 -10.32 -11.59 9.05
CA TYR A 171 -11.37 -10.58 8.98
C TYR A 171 -11.82 -10.39 7.54
N PHE A 172 -12.91 -9.65 7.39
CA PHE A 172 -13.44 -9.35 6.06
C PHE A 172 -14.40 -8.18 6.16
N PRO A 173 -14.30 -7.17 5.27
CA PRO A 173 -13.34 -6.98 4.18
C PRO A 173 -12.07 -6.27 4.67
N GLU A 174 -11.20 -5.90 3.74
CA GLU A 174 -10.19 -4.92 4.06
C GLU A 174 -10.86 -3.57 4.33
N PRO A 175 -10.22 -2.69 5.12
CA PRO A 175 -8.91 -2.90 5.75
C PRO A 175 -8.98 -2.83 7.27
N VAL A 176 -7.87 -3.18 7.97
CA VAL A 176 -7.73 -2.88 9.38
C VAL A 176 -6.59 -1.90 9.54
N THR A 177 -6.69 -1.03 10.54
CA THR A 177 -5.58 -0.19 10.95
C THR A 177 -5.08 -0.63 12.32
N VAL A 178 -3.77 -0.67 12.47
CA VAL A 178 -3.11 -1.06 13.71
C VAL A 178 -2.27 0.12 14.18
N SER A 179 -2.49 0.57 15.41
CA SER A 179 -1.58 1.50 16.04
C SER A 179 -1.03 0.85 17.31
N TRP A 180 -0.03 1.50 17.92
CA TRP A 180 0.61 0.97 19.11
C TRP A 180 0.60 2.01 20.21
N ASN A 181 0.15 1.61 21.39
CA ASN A 181 0.07 2.50 22.55
C ASN A 181 -0.71 3.77 22.19
N SER A 182 -1.90 3.56 21.63
CA SER A 182 -2.78 4.64 21.15
C SER A 182 -2.04 5.65 20.27
N GLY A 183 -1.09 5.16 19.48
CA GLY A 183 -0.34 6.00 18.57
C GLY A 183 0.90 6.63 19.18
N ALA A 184 1.19 6.38 20.45
CA ALA A 184 2.38 6.96 21.06
C ALA A 184 3.65 6.29 20.59
N LEU A 185 3.57 5.02 20.16
CA LEU A 185 4.73 4.27 19.70
C LEU A 185 4.62 4.11 18.19
N THR A 186 5.56 4.71 17.45
CA THR A 186 5.52 4.68 15.99
C THR A 186 6.82 4.20 15.35
N SER A 187 7.94 4.40 16.03
CA SER A 187 9.23 4.14 15.39
C SER A 187 9.49 2.65 15.33
N GLY A 188 9.76 2.14 14.14
CA GLY A 188 10.07 0.73 13.99
C GLY A 188 8.88 -0.21 13.86
N VAL A 189 7.68 0.32 13.70
CA VAL A 189 6.48 -0.53 13.61
C VAL A 189 6.34 -1.03 12.18
N HIS A 190 6.23 -2.35 12.02
CA HIS A 190 5.98 -2.95 10.69
C HIS A 190 4.60 -3.59 10.69
N THR A 191 3.63 -2.94 10.07
CA THR A 191 2.30 -3.49 9.89
C THR A 191 2.25 -4.07 8.48
N PHE A 192 2.22 -5.39 8.37
CA PHE A 192 2.39 -6.03 7.07
C PHE A 192 1.13 -5.89 6.21
N PRO A 193 1.28 -5.91 4.89
CA PRO A 193 0.11 -5.98 4.01
C PRO A 193 -0.67 -7.26 4.31
N ALA A 194 -2.00 -7.15 4.32
CA ALA A 194 -2.84 -8.30 4.54
C ALA A 194 -2.65 -9.34 3.43
N VAL A 195 -2.84 -10.61 3.79
CA VAL A 195 -2.86 -11.72 2.84
C VAL A 195 -4.30 -12.19 2.70
N LEU A 196 -4.74 -12.39 1.47
CA LEU A 196 -6.07 -12.96 1.21
C LEU A 196 -5.89 -14.47 1.07
N GLN A 197 -6.41 -15.22 2.02
CA GLN A 197 -6.28 -16.67 1.93
C GLN A 197 -7.32 -17.24 0.97
N SER A 198 -7.09 -18.48 0.52
CA SER A 198 -8.06 -19.19 -0.30
C SER A 198 -9.37 -19.43 0.45
N SER A 199 -9.36 -19.32 1.78
CA SER A 199 -10.57 -19.37 2.60
C SER A 199 -11.45 -18.15 2.42
N GLY A 200 -10.95 -17.08 1.81
CA GLY A 200 -11.75 -15.89 1.56
C GLY A 200 -11.59 -14.79 2.59
N LEU A 201 -10.83 -15.03 3.66
CA LEU A 201 -10.62 -14.07 4.73
C LEU A 201 -9.19 -13.55 4.71
N TYR A 202 -9.02 -12.35 5.25
CA TYR A 202 -7.74 -11.67 5.34
C TYR A 202 -7.11 -11.87 6.71
N SER A 203 -5.77 -11.92 6.75
CA SER A 203 -5.00 -11.83 7.99
C SER A 203 -3.76 -10.96 7.78
N LEU A 204 -3.37 -10.25 8.83
CA LEU A 204 -2.09 -9.55 8.84
C LEU A 204 -1.54 -9.62 10.25
N SER A 205 -0.25 -9.32 10.37
CA SER A 205 0.36 -9.09 11.66
C SER A 205 1.00 -7.71 11.67
N SER A 206 1.24 -7.19 12.87
CA SER A 206 1.96 -5.94 13.07
C SER A 206 3.01 -6.21 14.14
N VAL A 207 4.24 -5.76 13.92
CA VAL A 207 5.34 -6.02 14.84
C VAL A 207 6.09 -4.72 15.11
N VAL A 208 6.84 -4.70 16.21
CA VAL A 208 7.59 -3.50 16.61
C VAL A 208 8.74 -3.95 17.51
N THR A 209 9.83 -3.18 17.47
CA THR A 209 11.03 -3.45 18.26
C THR A 209 11.08 -2.54 19.48
N VAL A 210 11.26 -3.13 20.66
CA VAL A 210 11.29 -2.37 21.90
C VAL A 210 12.55 -2.77 22.67
N PRO A 211 12.98 -1.95 23.63
CA PRO A 211 14.11 -2.36 24.47
C PRO A 211 13.68 -3.49 25.38
N SER A 212 14.56 -4.50 25.50
CA SER A 212 14.31 -5.56 26.48
C SER A 212 14.16 -4.97 27.88
N SER A 213 14.95 -3.95 28.21
CA SER A 213 14.97 -3.38 29.55
C SER A 213 13.66 -2.72 29.94
N SER A 214 12.80 -2.40 28.97
CA SER A 214 11.50 -1.83 29.28
C SER A 214 10.41 -2.88 29.41
N LEU A 215 10.71 -4.12 29.02
CA LEU A 215 9.71 -5.18 28.96
C LEU A 215 9.08 -5.45 30.32
N GLY A 216 9.77 -5.13 31.40
CA GLY A 216 9.18 -5.32 32.72
C GLY A 216 8.27 -4.19 33.15
N THR A 217 8.53 -2.99 32.66
CA THR A 217 7.91 -1.78 33.20
C THR A 217 7.02 -1.05 32.22
N GLN A 218 7.38 -1.02 30.94
CA GLN A 218 6.58 -0.35 29.91
C GLN A 218 5.59 -1.32 29.31
N THR A 219 4.33 -0.94 29.28
CA THR A 219 3.31 -1.83 28.74
C THR A 219 3.07 -1.51 27.27
N TYR A 220 2.83 -2.55 26.47
CA TYR A 220 2.69 -2.45 25.03
C TYR A 220 1.34 -3.02 24.59
N ILE A 221 0.57 -2.20 23.86
CA ILE A 221 -0.79 -2.53 23.47
C ILE A 221 -0.99 -2.16 22.00
N CYS A 222 -1.45 -3.11 21.19
CA CYS A 222 -1.84 -2.81 19.83
C CYS A 222 -3.31 -2.41 19.81
N ASN A 223 -3.63 -1.43 18.98
CA ASN A 223 -4.98 -0.90 18.82
C ASN A 223 -5.42 -1.23 17.40
N VAL A 224 -6.23 -2.27 17.26
CA VAL A 224 -6.68 -2.76 15.96
C VAL A 224 -8.08 -2.23 15.71
N ASN A 225 -8.27 -1.50 14.61
CA ASN A 225 -9.54 -0.89 14.26
C ASN A 225 -10.00 -1.46 12.93
N HIS A 226 -11.21 -2.02 12.91
CA HIS A 226 -11.84 -2.57 11.70
C HIS A 226 -13.14 -1.81 11.46
N LYS A 227 -13.04 -0.63 10.84
CA LYS A 227 -14.22 0.17 10.54
C LYS A 227 -15.31 -0.59 9.79
N PRO A 228 -15.00 -1.42 8.77
CA PRO A 228 -16.09 -2.09 8.06
C PRO A 228 -17.04 -2.88 8.95
N SER A 229 -16.55 -3.48 10.03
CA SER A 229 -17.41 -4.13 11.01
C SER A 229 -17.61 -3.28 12.26
N ASN A 230 -17.13 -2.04 12.25
CA ASN A 230 -17.25 -1.11 13.38
C ASN A 230 -16.82 -1.76 14.69
N THR A 231 -15.61 -2.32 14.69
CA THR A 231 -15.05 -2.94 15.87
C THR A 231 -13.62 -2.43 16.09
N LYS A 232 -13.32 -2.02 17.31
CA LYS A 232 -11.97 -1.63 17.73
C LYS A 232 -11.58 -2.51 18.90
N VAL A 233 -10.35 -3.06 18.87
CA VAL A 233 -9.87 -4.00 19.87
C VAL A 233 -8.49 -3.56 20.36
N ASP A 234 -8.31 -3.52 21.67
CA ASP A 234 -7.00 -3.31 22.27
C ASP A 234 -6.53 -4.62 22.88
N LYS A 235 -5.31 -5.05 22.55
CA LYS A 235 -4.76 -6.30 23.03
CA LYS A 235 -4.76 -6.30 23.03
C LYS A 235 -3.39 -6.03 23.65
N ARG A 236 -3.25 -6.34 24.93
CA ARG A 236 -1.99 -6.15 25.62
C ARG A 236 -1.04 -7.29 25.32
N VAL A 237 0.21 -6.96 25.06
CA VAL A 237 1.21 -7.95 24.68
C VAL A 237 2.14 -8.16 25.87
N GLU A 238 2.00 -9.29 26.53
CA GLU A 238 2.87 -9.46 27.70
C GLU A 238 4.06 -10.35 27.37
N PRO A 239 5.18 -10.21 28.08
CA PRO A 239 6.38 -10.96 27.71
C PRO A 239 6.32 -12.42 28.15
N LYS A 240 7.07 -13.26 27.45
CA LYS A 240 7.16 -14.69 27.71
C LYS A 240 8.57 -15.03 28.18
N SER A 241 8.69 -16.13 28.94
CA SER A 241 9.98 -16.66 29.37
C SER A 241 10.06 -18.15 29.02
N CYS A 242 11.12 -18.52 28.31
CA CYS A 242 11.27 -19.89 27.84
C CYS A 242 12.22 -20.68 28.76
N GLU B 21 -8.91 -0.10 -28.37
CA GLU B 21 -8.24 0.14 -27.10
C GLU B 21 -6.76 0.49 -27.29
N ILE B 22 -6.33 1.58 -26.67
CA ILE B 22 -4.95 2.04 -26.76
C ILE B 22 -4.24 1.61 -25.47
N VAL B 23 -3.10 0.93 -25.61
CA VAL B 23 -2.41 0.30 -24.50
C VAL B 23 -1.03 0.94 -24.33
N LEU B 24 -0.74 1.38 -23.11
CA LEU B 24 0.59 1.89 -22.74
C LEU B 24 1.35 0.80 -22.00
N THR B 25 2.55 0.49 -22.48
CA THR B 25 3.44 -0.47 -21.82
C THR B 25 4.66 0.26 -21.29
N GLN B 26 4.89 0.15 -19.99
CA GLN B 26 6.01 0.79 -19.33
C GLN B 26 7.13 -0.22 -19.13
N SER B 27 8.36 0.28 -19.22
CA SER B 27 9.55 -0.53 -18.97
C SER B 27 10.65 0.36 -18.38
N PRO B 28 11.48 -0.18 -17.48
CA PRO B 28 11.34 -1.55 -16.96
C PRO B 28 10.27 -1.59 -15.90
N ALA B 29 9.75 -2.79 -15.61
CA ALA B 29 8.76 -2.91 -14.55
C ALA B 29 9.32 -2.46 -13.20
N THR B 30 10.58 -2.80 -12.91
CA THR B 30 11.16 -2.48 -11.62
C THR B 30 12.61 -2.09 -11.82
N LEU B 31 13.14 -1.28 -10.89
CA LEU B 31 14.45 -0.68 -11.08
C LEU B 31 14.99 -0.25 -9.73
N SER B 32 16.24 -0.64 -9.44
CA SER B 32 16.89 -0.23 -8.19
C SER B 32 18.16 0.54 -8.50
N LEU B 33 18.25 1.75 -7.97
CA LEU B 33 19.36 2.64 -8.22
C LEU B 33 19.65 3.40 -6.94
N SER B 34 20.78 4.09 -6.90
CA SER B 34 21.15 4.86 -5.72
C SER B 34 20.98 6.34 -5.99
N PRO B 35 20.78 7.15 -4.95
CA PRO B 35 20.73 8.60 -5.15
C PRO B 35 21.95 9.08 -5.91
N GLY B 36 21.77 10.07 -6.77
CA GLY B 36 22.83 10.60 -7.58
C GLY B 36 22.92 10.02 -8.98
N GLU B 37 22.41 8.80 -9.18
CA GLU B 37 22.36 8.20 -10.50
C GLU B 37 21.22 8.80 -11.32
N ARG B 38 21.33 8.65 -12.64
CA ARG B 38 20.31 9.06 -13.60
C ARG B 38 19.45 7.85 -13.98
N ALA B 39 18.13 8.07 -14.05
CA ALA B 39 17.17 7.06 -14.46
C ALA B 39 16.32 7.57 -15.61
N THR B 40 16.13 6.74 -16.62
CA THR B 40 15.26 7.05 -17.75
C THR B 40 14.26 5.92 -17.88
N LEU B 41 12.98 6.26 -17.76
CA LEU B 41 11.88 5.32 -17.80
C LEU B 41 11.17 5.42 -19.14
N SER B 42 10.66 4.29 -19.62
CA SER B 42 10.06 4.24 -20.94
C SER B 42 8.56 3.91 -20.85
N CYS B 43 7.82 4.50 -21.78
CA CYS B 43 6.40 4.26 -21.93
C CYS B 43 6.15 4.18 -23.43
N ARG B 44 5.59 3.06 -23.88
CA ARG B 44 5.37 2.83 -25.30
C ARG B 44 3.88 2.62 -25.54
N ALA B 45 3.32 3.34 -26.52
CA ALA B 45 1.91 3.24 -26.84
C ALA B 45 1.69 2.34 -28.05
N SER B 46 0.56 1.62 -28.03
CA SER B 46 0.20 0.70 -29.12
C SER B 46 0.06 1.43 -30.43
N GLN B 47 -0.30 2.71 -30.40
CA GLN B 47 -0.40 3.54 -31.58
C GLN B 47 -0.14 4.98 -31.15
N SER B 48 0.06 5.84 -32.13
CA SER B 48 0.45 7.23 -31.85
C SER B 48 -0.57 7.93 -30.96
N VAL B 49 -0.06 8.62 -29.94
CA VAL B 49 -0.90 9.52 -29.14
C VAL B 49 -0.42 10.96 -29.26
N SER B 50 0.30 11.28 -30.34
CA SER B 50 0.83 12.63 -30.62
C SER B 50 1.65 13.07 -29.42
N SER B 51 1.28 14.16 -28.74
CA SER B 51 1.97 14.62 -27.54
C SER B 51 1.12 14.47 -26.29
N TYR B 52 0.00 13.73 -26.39
CA TYR B 52 -0.97 13.60 -25.31
C TYR B 52 -0.51 12.55 -24.29
N LEU B 53 0.58 12.88 -23.59
CA LEU B 53 1.22 11.91 -22.72
C LEU B 53 1.66 12.62 -21.44
N ALA B 54 1.28 12.04 -20.29
CA ALA B 54 1.58 12.63 -18.99
C ALA B 54 2.26 11.59 -18.10
N TRP B 55 3.11 12.07 -17.18
CA TRP B 55 3.74 11.22 -16.18
C TRP B 55 3.35 11.64 -14.78
N TYR B 56 3.10 10.63 -13.93
CA TYR B 56 2.70 10.79 -12.54
C TYR B 56 3.67 10.03 -11.63
N GLN B 57 3.86 10.56 -10.43
CA GLN B 57 4.62 9.89 -9.36
C GLN B 57 3.67 9.53 -8.23
N GLN B 58 3.84 8.34 -7.65
CA GLN B 58 3.03 7.95 -6.49
C GLN B 58 3.91 7.23 -5.48
N LYS B 59 4.02 7.81 -4.29
CA LYS B 59 4.67 7.20 -3.12
C LYS B 59 3.66 6.38 -2.32
N PRO B 60 4.13 5.39 -1.56
CA PRO B 60 3.20 4.50 -0.84
C PRO B 60 2.27 5.25 0.09
N GLY B 61 0.97 4.98 -0.04
CA GLY B 61 -0.04 5.63 0.77
C GLY B 61 -0.30 7.07 0.44
N GLN B 62 0.18 7.56 -0.70
CA GLN B 62 -0.02 8.94 -1.11
C GLN B 62 -0.74 8.99 -2.44
N ALA B 63 -1.39 10.13 -2.67
CA ALA B 63 -2.02 10.40 -3.94
C ALA B 63 -0.96 10.56 -5.03
N PRO B 64 -1.25 10.14 -6.26
CA PRO B 64 -0.36 10.45 -7.39
C PRO B 64 -0.12 11.95 -7.51
N ARG B 65 0.96 12.31 -8.19
CA ARG B 65 1.31 13.71 -8.41
C ARG B 65 1.73 13.87 -9.85
N LEU B 66 1.17 14.86 -10.54
CA LEU B 66 1.54 15.10 -11.92
C LEU B 66 2.97 15.66 -11.99
N LEU B 67 3.78 15.10 -12.88
CA LEU B 67 5.16 15.52 -13.09
C LEU B 67 5.31 16.24 -14.43
N ILE B 68 4.92 15.56 -15.51
CA ILE B 68 5.12 16.00 -16.87
C ILE B 68 3.80 15.91 -17.61
N TYR B 69 3.42 16.97 -18.33
CA TYR B 69 2.20 16.97 -19.14
C TYR B 69 2.53 17.34 -20.58
N ASP B 70 1.69 16.86 -21.50
CA ASP B 70 1.91 17.02 -22.94
C ASP B 70 3.35 16.66 -23.31
N ALA B 71 3.77 15.48 -22.83
CA ALA B 71 5.03 14.81 -23.16
C ALA B 71 6.27 15.44 -22.54
N SER B 72 6.35 16.77 -22.51
CA SER B 72 7.63 17.39 -22.18
C SER B 72 7.54 18.58 -21.24
N ASN B 73 6.34 19.00 -20.85
CA ASN B 73 6.21 20.16 -19.99
C ASN B 73 6.19 19.77 -18.52
N ARG B 74 6.87 20.56 -17.71
CA ARG B 74 6.92 20.32 -16.29
CA ARG B 74 6.92 20.32 -16.28
C ARG B 74 5.74 20.99 -15.61
N ALA B 75 5.09 20.25 -14.72
CA ALA B 75 4.01 20.80 -13.91
C ALA B 75 4.57 21.81 -12.90
N THR B 76 3.71 22.72 -12.47
CA THR B 76 4.10 23.71 -11.47
C THR B 76 4.67 23.05 -10.24
N GLY B 77 5.76 23.60 -9.73
CA GLY B 77 6.38 23.11 -8.52
C GLY B 77 7.20 21.84 -8.68
N ILE B 78 7.38 21.34 -9.89
CA ILE B 78 8.09 20.08 -10.10
C ILE B 78 9.56 20.41 -10.38
N PRO B 79 10.52 19.74 -9.74
CA PRO B 79 11.93 20.14 -9.86
C PRO B 79 12.50 19.97 -11.26
N ALA B 80 13.54 20.75 -11.54
CA ALA B 80 14.14 20.76 -12.87
C ALA B 80 14.79 19.43 -13.25
N ARG B 81 15.10 18.57 -12.27
CA ARG B 81 15.69 17.27 -12.59
C ARG B 81 14.71 16.31 -13.28
N PHE B 82 13.42 16.61 -13.29
CA PHE B 82 12.45 15.81 -14.03
C PHE B 82 12.30 16.38 -15.43
N SER B 83 12.41 15.53 -16.45
CA SER B 83 12.13 15.93 -17.81
C SER B 83 11.50 14.78 -18.58
N GLY B 84 10.73 15.12 -19.61
CA GLY B 84 10.17 14.13 -20.49
C GLY B 84 10.46 14.50 -21.93
N SER B 85 10.41 13.49 -22.80
CA SER B 85 10.50 13.70 -24.24
C SER B 85 9.79 12.56 -24.96
N GLY B 86 9.65 12.72 -26.26
CA GLY B 86 9.00 11.72 -27.11
C GLY B 86 7.77 12.28 -27.80
N SER B 87 7.27 11.48 -28.74
CA SER B 87 6.11 11.81 -29.53
C SER B 87 5.64 10.56 -30.23
N GLY B 88 4.37 10.57 -30.65
CA GLY B 88 3.81 9.42 -31.32
C GLY B 88 3.69 8.22 -30.38
N THR B 89 4.63 7.28 -30.47
CA THR B 89 4.52 6.03 -29.72
C THR B 89 5.55 5.87 -28.60
N ASP B 90 6.65 6.61 -28.61
CA ASP B 90 7.79 6.33 -27.75
C ASP B 90 8.12 7.56 -26.89
N PHE B 91 7.99 7.39 -25.58
CA PHE B 91 8.14 8.47 -24.61
C PHE B 91 9.05 8.03 -23.48
N THR B 92 9.74 8.99 -22.89
CA THR B 92 10.61 8.68 -21.76
C THR B 92 10.43 9.75 -20.70
N LEU B 93 10.70 9.35 -19.46
CA LEU B 93 10.81 10.25 -18.33
C LEU B 93 12.21 10.10 -17.77
N THR B 94 12.91 11.22 -17.59
CA THR B 94 14.29 11.19 -17.11
C THR B 94 14.41 11.98 -15.80
N ILE B 95 15.03 11.37 -14.81
CA ILE B 95 15.43 12.07 -13.60
C ILE B 95 16.95 12.17 -13.65
N SER B 96 17.46 13.40 -13.76
CA SER B 96 18.87 13.53 -14.12
C SER B 96 19.78 13.08 -12.98
N SER B 97 19.42 13.42 -11.76
CA SER B 97 20.19 12.98 -10.59
C SER B 97 19.20 12.70 -9.48
N LEU B 98 19.05 11.42 -9.13
CA LEU B 98 17.99 10.99 -8.25
C LEU B 98 18.21 11.50 -6.82
N GLU B 99 17.14 11.99 -6.21
CA GLU B 99 17.13 12.29 -4.79
C GLU B 99 16.40 11.19 -4.02
N PRO B 100 16.66 11.04 -2.71
CA PRO B 100 15.93 10.01 -1.94
C PRO B 100 14.41 10.11 -2.06
N GLU B 101 13.87 11.32 -2.23
CA GLU B 101 12.43 11.47 -2.33
C GLU B 101 11.88 11.10 -3.72
N ASP B 102 12.74 10.82 -4.71
CA ASP B 102 12.31 10.42 -6.04
C ASP B 102 12.01 8.95 -6.19
N PHE B 103 12.29 8.12 -5.18
CA PHE B 103 12.05 6.68 -5.30
C PHE B 103 10.59 6.40 -4.99
N ALA B 104 9.90 5.78 -5.94
CA ALA B 104 8.44 5.71 -5.95
C ALA B 104 7.97 4.96 -7.18
N VAL B 105 6.67 4.89 -7.40
CA VAL B 105 6.10 4.33 -8.62
C VAL B 105 5.79 5.47 -9.57
N TYR B 106 6.09 5.28 -10.85
CA TYR B 106 5.88 6.27 -11.89
C TYR B 106 4.92 5.72 -12.92
N TYR B 107 3.85 6.46 -13.21
CA TYR B 107 2.83 6.05 -14.18
C TYR B 107 2.81 6.99 -15.37
N CYS B 108 2.68 6.43 -16.56
CA CYS B 108 2.39 7.24 -17.73
C CYS B 108 0.89 7.22 -18.03
N GLN B 109 0.43 8.24 -18.75
CA GLN B 109 -0.99 8.40 -19.00
C GLN B 109 -1.20 9.04 -20.36
N GLN B 110 -2.10 8.45 -21.17
CA GLN B 110 -2.36 8.94 -22.52
C GLN B 110 -3.82 9.35 -22.67
N ARG B 111 -4.06 10.27 -23.60
CA ARG B 111 -5.39 10.76 -23.95
C ARG B 111 -5.69 10.42 -25.40
N SER B 112 -6.92 9.99 -25.67
CA SER B 112 -7.30 9.65 -27.03
C SER B 112 -8.83 9.55 -27.10
N ASN B 113 -9.32 9.32 -28.34
CA ASN B 113 -10.74 9.18 -28.67
C ASN B 113 -11.48 10.52 -28.64
N TRP B 114 -12.72 10.54 -29.14
CA TRP B 114 -13.57 11.70 -28.95
C TRP B 114 -14.97 11.20 -28.57
N PRO B 115 -15.54 11.67 -27.46
CA PRO B 115 -14.96 12.57 -26.45
C PRO B 115 -13.69 11.96 -25.81
N PRO B 116 -12.76 12.81 -25.36
CA PRO B 116 -11.48 12.30 -24.85
C PRO B 116 -11.67 11.40 -23.65
N THR B 117 -10.86 10.35 -23.59
CA THR B 117 -10.74 9.49 -22.43
C THR B 117 -9.26 9.27 -22.15
N TYR B 118 -8.96 8.87 -20.92
CA TYR B 118 -7.57 8.73 -20.47
C TYR B 118 -7.31 7.31 -20.00
N THR B 119 -6.08 6.85 -20.20
CA THR B 119 -5.67 5.52 -19.76
C THR B 119 -4.27 5.60 -19.17
N PHE B 120 -4.00 4.73 -18.19
CA PHE B 120 -2.73 4.73 -17.48
C PHE B 120 -1.94 3.48 -17.80
N GLY B 121 -0.62 3.63 -17.88
CA GLY B 121 0.25 2.47 -17.88
C GLY B 121 0.22 1.77 -16.53
N GLN B 122 0.83 0.58 -16.50
CA GLN B 122 0.84 -0.23 -15.30
C GLN B 122 1.93 0.17 -14.31
N GLY B 123 2.86 1.01 -14.70
CA GLY B 123 3.73 1.60 -13.70
C GLY B 123 5.12 1.01 -13.73
N THR B 124 6.10 1.81 -13.32
CA THR B 124 7.47 1.40 -13.11
C THR B 124 7.81 1.68 -11.65
N LYS B 125 8.24 0.64 -10.93
CA LYS B 125 8.61 0.78 -9.53
C LYS B 125 10.11 1.01 -9.41
N LEU B 126 10.51 2.14 -8.85
CA LEU B 126 11.92 2.50 -8.70
C LEU B 126 12.24 2.53 -7.21
N GLU B 127 13.11 1.60 -6.77
CA GLU B 127 13.50 1.47 -5.38
C GLU B 127 14.96 1.86 -5.18
N ILE B 128 15.32 2.10 -3.91
CA ILE B 128 16.67 2.50 -3.53
C ILE B 128 17.54 1.26 -3.40
N LYS B 129 18.69 1.28 -4.05
CA LYS B 129 19.70 0.24 -3.88
C LYS B 129 20.65 0.67 -2.76
N ARG B 130 20.67 -0.09 -1.68
CA ARG B 130 21.61 0.08 -0.59
C ARG B 130 22.52 -1.15 -0.51
N THR B 131 23.38 -1.17 0.51
CA THR B 131 24.24 -2.33 0.72
C THR B 131 23.42 -3.51 1.21
N VAL B 132 23.95 -4.72 0.96
CA VAL B 132 23.26 -5.93 1.41
C VAL B 132 23.14 -5.91 2.92
N ALA B 133 22.00 -6.38 3.43
CA ALA B 133 21.74 -6.48 4.86
C ALA B 133 21.04 -7.80 5.10
N ALA B 134 21.64 -8.64 5.96
CA ALA B 134 21.04 -9.91 6.30
C ALA B 134 19.86 -9.66 7.24
N PRO B 135 18.85 -10.53 7.21
CA PRO B 135 17.71 -10.35 8.11
C PRO B 135 18.01 -10.87 9.49
N SER B 136 17.44 -10.21 10.51
CA SER B 136 17.34 -10.80 11.85
C SER B 136 16.09 -11.67 11.89
N VAL B 137 16.26 -12.95 12.23
CA VAL B 137 15.15 -13.90 12.20
C VAL B 137 14.61 -14.11 13.60
N PHE B 138 13.30 -13.97 13.75
CA PHE B 138 12.63 -14.18 15.04
C PHE B 138 11.44 -15.10 14.84
N ILE B 139 11.13 -15.90 15.85
CA ILE B 139 10.00 -16.82 15.79
C ILE B 139 9.08 -16.57 16.98
N PHE B 140 7.77 -16.67 16.75
CA PHE B 140 6.76 -16.42 17.78
C PHE B 140 5.89 -17.65 17.92
N PRO B 141 5.95 -18.36 19.05
CA PRO B 141 5.05 -19.48 19.26
C PRO B 141 3.62 -18.95 19.49
N PRO B 142 2.61 -19.76 19.15
CA PRO B 142 1.22 -19.32 19.34
C PRO B 142 0.95 -18.86 20.77
N SER B 143 0.09 -17.83 20.88
CA SER B 143 -0.27 -17.29 22.18
CA SER B 143 -0.29 -17.28 22.16
C SER B 143 -1.13 -18.28 22.96
N ASP B 144 -1.15 -18.10 24.29
CA ASP B 144 -2.03 -18.89 25.13
C ASP B 144 -3.48 -18.66 24.75
N GLU B 145 -3.83 -17.43 24.39
CA GLU B 145 -5.21 -17.14 24.00
C GLU B 145 -5.56 -17.83 22.70
N GLN B 146 -4.64 -17.86 21.73
CA GLN B 146 -4.94 -18.48 20.45
C GLN B 146 -5.10 -20.00 20.58
N LEU B 147 -4.28 -20.64 21.43
CA LEU B 147 -4.39 -22.08 21.58
C LEU B 147 -5.73 -22.49 22.19
N LYS B 148 -6.29 -21.66 23.08
CA LYS B 148 -7.63 -21.96 23.58
C LYS B 148 -8.70 -21.81 22.51
N SER B 149 -8.44 -21.04 21.45
CA SER B 149 -9.47 -20.81 20.43
C SER B 149 -9.65 -21.98 19.47
N GLY B 150 -8.68 -22.87 19.37
CA GLY B 150 -8.81 -24.02 18.49
C GLY B 150 -7.90 -24.01 17.29
N THR B 151 -7.13 -22.95 17.06
CA THR B 151 -6.09 -23.00 16.05
C THR B 151 -4.81 -22.41 16.62
N ALA B 152 -3.71 -22.69 15.93
CA ALA B 152 -2.40 -22.22 16.34
C ALA B 152 -1.68 -21.66 15.14
N SER B 153 -1.28 -20.39 15.23
CA SER B 153 -0.45 -19.74 14.21
C SER B 153 0.95 -19.53 14.77
N VAL B 154 1.95 -19.90 13.98
CA VAL B 154 3.35 -19.67 14.30
C VAL B 154 3.87 -18.63 13.31
N VAL B 155 4.43 -17.54 13.82
CA VAL B 155 4.89 -16.42 13.01
C VAL B 155 6.41 -16.40 13.01
N CYS B 156 6.98 -16.34 11.82
CA CYS B 156 8.41 -16.14 11.64
C CYS B 156 8.64 -14.75 11.04
N LEU B 157 9.49 -13.97 11.68
CA LEU B 157 9.74 -12.59 11.30
C LEU B 157 11.18 -12.43 10.83
N LEU B 158 11.34 -11.85 9.62
CA LEU B 158 12.64 -11.49 9.07
C LEU B 158 12.67 -9.97 9.01
N ASN B 159 13.47 -9.35 9.88
CA ASN B 159 13.44 -7.91 10.08
C ASN B 159 14.64 -7.24 9.39
N ASN B 160 14.35 -6.21 8.57
CA ASN B 160 15.32 -5.21 8.12
C ASN B 160 16.44 -5.83 7.29
N PHE B 161 16.07 -6.36 6.14
CA PHE B 161 17.04 -6.96 5.22
C PHE B 161 17.01 -6.25 3.87
N TYR B 162 18.05 -6.53 3.07
CA TYR B 162 18.12 -6.02 1.70
C TYR B 162 19.11 -6.88 0.91
N PRO B 163 18.81 -7.25 -0.34
CA PRO B 163 17.60 -6.93 -1.11
C PRO B 163 16.31 -7.63 -0.66
N ARG B 164 15.26 -7.34 -1.43
CA ARG B 164 13.91 -7.77 -1.11
C ARG B 164 13.77 -9.29 -1.15
N GLU B 165 14.55 -9.96 -1.97
CA GLU B 165 14.36 -11.39 -2.18
C GLU B 165 14.79 -12.19 -0.95
N ALA B 166 13.91 -13.08 -0.48
CA ALA B 166 14.20 -13.94 0.66
C ALA B 166 13.33 -15.19 0.56
N LYS B 167 13.81 -16.26 1.18
CA LYS B 167 13.09 -17.54 1.14
C LYS B 167 12.93 -18.08 2.55
N VAL B 168 11.73 -18.57 2.84
CA VAL B 168 11.38 -19.10 4.15
C VAL B 168 10.72 -20.46 3.94
N GLN B 169 11.29 -21.50 4.54
CA GLN B 169 10.67 -22.82 4.52
C GLN B 169 10.37 -23.27 5.94
N TRP B 170 9.23 -23.94 6.11
CA TRP B 170 8.74 -24.38 7.42
C TRP B 170 8.99 -25.87 7.59
N LYS B 171 9.60 -26.25 8.71
CA LYS B 171 9.86 -27.65 9.02
C LYS B 171 9.33 -27.95 10.41
N VAL B 172 8.45 -28.94 10.49
CA VAL B 172 7.84 -29.38 11.73
C VAL B 172 8.24 -30.83 11.96
N ASP B 173 8.96 -31.08 13.05
CA ASP B 173 9.56 -32.39 13.31
C ASP B 173 10.31 -32.89 12.08
N ASN B 174 11.19 -32.03 11.55
CA ASN B 174 12.12 -32.36 10.49
C ASN B 174 11.41 -32.78 9.19
N ALA B 175 10.16 -32.37 9.02
CA ALA B 175 9.43 -32.57 7.77
C ALA B 175 8.89 -31.22 7.31
N LEU B 176 9.09 -30.88 6.04
CA LEU B 176 8.77 -29.52 5.64
C LEU B 176 7.35 -29.41 5.10
N GLN B 177 6.80 -28.21 5.24
CA GLN B 177 5.40 -27.92 5.03
C GLN B 177 5.16 -27.33 3.65
N SER B 178 3.88 -27.25 3.29
CA SER B 178 3.46 -26.68 2.02
C SER B 178 1.96 -26.41 2.10
N GLY B 179 1.53 -25.31 1.48
CA GLY B 179 0.13 -24.96 1.43
C GLY B 179 -0.48 -24.49 2.73
N ASN B 180 0.27 -24.46 3.83
CA ASN B 180 -0.25 -23.98 5.10
C ASN B 180 0.52 -22.77 5.63
N SER B 181 1.17 -21.99 4.77
CA SER B 181 1.87 -20.80 5.19
C SER B 181 1.56 -19.63 4.27
N GLN B 182 1.63 -18.42 4.82
CA GLN B 182 1.41 -17.19 4.07
C GLN B 182 2.56 -16.23 4.34
N GLU B 183 2.98 -15.52 3.31
CA GLU B 183 4.11 -14.59 3.36
C GLU B 183 3.62 -13.16 3.10
N SER B 184 4.18 -12.20 3.82
CA SER B 184 3.90 -10.79 3.58
C SER B 184 5.18 -9.96 3.75
N VAL B 185 5.39 -9.02 2.83
CA VAL B 185 6.59 -8.17 2.81
C VAL B 185 6.16 -6.71 2.90
N THR B 186 6.86 -5.94 3.71
CA THR B 186 6.65 -4.49 3.75
C THR B 186 7.24 -3.82 2.52
N GLU B 187 6.76 -2.61 2.25
CA GLU B 187 7.44 -1.74 1.30
C GLU B 187 8.79 -1.31 1.86
N GLN B 188 9.59 -0.68 1.01
CA GLN B 188 10.93 -0.28 1.45
C GLN B 188 10.83 0.77 2.55
N ASP B 189 11.56 0.54 3.64
CA ASP B 189 11.52 1.48 4.75
C ASP B 189 12.11 2.83 4.34
N SER B 190 11.41 3.91 4.71
CA SER B 190 11.83 5.25 4.33
C SER B 190 13.09 5.73 5.04
N LYS B 191 13.61 4.99 6.02
CA LYS B 191 14.73 5.48 6.82
C LYS B 191 16.01 4.68 6.62
N ASP B 192 15.93 3.37 6.49
CA ASP B 192 17.13 2.59 6.22
C ASP B 192 17.06 1.81 4.91
N SER B 193 15.97 1.95 4.15
CA SER B 193 15.82 1.34 2.82
C SER B 193 15.82 -0.18 2.89
N THR B 194 15.38 -0.75 4.01
CA THR B 194 15.31 -2.19 4.15
C THR B 194 13.87 -2.67 4.01
N TYR B 195 13.73 -3.99 3.94
CA TYR B 195 12.44 -4.66 3.93
C TYR B 195 12.33 -5.55 5.15
N SER B 196 11.09 -5.85 5.54
CA SER B 196 10.83 -6.97 6.45
C SER B 196 9.75 -7.87 5.88
N LEU B 197 9.79 -9.13 6.32
CA LEU B 197 8.91 -10.18 5.82
C LEU B 197 8.35 -10.97 7.00
N SER B 198 7.07 -11.33 6.90
CA SER B 198 6.44 -12.22 7.85
C SER B 198 6.04 -13.51 7.14
N SER B 199 6.24 -14.65 7.80
CA SER B 199 5.71 -15.93 7.35
C SER B 199 4.90 -16.53 8.49
N THR B 200 3.64 -16.83 8.23
CA THR B 200 2.74 -17.39 9.22
C THR B 200 2.32 -18.80 8.80
N LEU B 201 2.61 -19.76 9.67
CA LEU B 201 2.15 -21.15 9.52
C LEU B 201 0.94 -21.33 10.43
N THR B 202 -0.18 -21.75 9.84
CA THR B 202 -1.43 -21.92 10.60
C THR B 202 -1.83 -23.38 10.60
N LEU B 203 -2.05 -23.92 11.78
CA LEU B 203 -2.54 -25.28 11.94
C LEU B 203 -3.74 -25.29 12.87
N SER B 204 -4.52 -26.36 12.77
CA SER B 204 -5.52 -26.63 13.78
C SER B 204 -4.85 -27.05 15.08
N LYS B 205 -5.52 -26.76 16.20
CA LYS B 205 -5.00 -27.19 17.50
C LYS B 205 -4.62 -28.67 17.51
N ALA B 206 -5.42 -29.50 16.81
CA ALA B 206 -5.16 -30.94 16.79
C ALA B 206 -3.86 -31.26 16.05
N ASP B 207 -3.66 -30.68 14.87
CA ASP B 207 -2.42 -30.88 14.14
C ASP B 207 -1.23 -30.31 14.90
N TYR B 208 -1.40 -29.14 15.52
CA TYR B 208 -0.30 -28.51 16.26
C TYR B 208 0.17 -29.39 17.40
N GLU B 209 -0.76 -30.06 18.07
CA GLU B 209 -0.39 -30.90 19.20
C GLU B 209 0.20 -32.24 18.76
N LYS B 210 0.19 -32.54 17.45
CA LYS B 210 0.80 -33.76 16.93
C LYS B 210 2.32 -33.72 16.91
N HIS B 211 2.95 -32.54 16.98
CA HIS B 211 4.38 -32.43 16.78
C HIS B 211 5.01 -31.53 17.83
N LYS B 212 6.34 -31.60 17.92
CA LYS B 212 7.09 -30.91 18.96
C LYS B 212 7.91 -29.73 18.44
N VAL B 213 8.71 -29.94 17.40
CA VAL B 213 9.69 -28.95 16.94
C VAL B 213 9.11 -28.18 15.75
N TYR B 214 9.02 -26.86 15.89
CA TYR B 214 8.59 -25.97 14.82
C TYR B 214 9.76 -25.08 14.40
N ALA B 215 10.20 -25.21 13.15
CA ALA B 215 11.40 -24.55 12.67
C ALA B 215 11.09 -23.65 11.47
N CYS B 216 11.51 -22.39 11.57
CA CYS B 216 11.58 -21.46 10.46
C CYS B 216 13.00 -21.46 9.91
N GLU B 217 13.18 -21.79 8.63
CA GLU B 217 14.50 -21.77 8.00
C GLU B 217 14.52 -20.74 6.89
N VAL B 218 15.56 -19.90 6.87
CA VAL B 218 15.62 -18.68 6.08
C VAL B 218 16.85 -18.69 5.19
N THR B 219 16.68 -18.36 3.91
CA THR B 219 17.82 -18.09 3.05
C THR B 219 17.70 -16.68 2.45
N HIS B 220 18.84 -16.02 2.36
CA HIS B 220 18.93 -14.64 1.87
C HIS B 220 20.31 -14.45 1.26
N GLN B 221 20.43 -13.46 0.38
CA GLN B 221 21.73 -13.20 -0.24
C GLN B 221 22.77 -12.77 0.79
N GLY B 222 22.34 -12.07 1.85
CA GLY B 222 23.21 -11.61 2.91
C GLY B 222 23.64 -12.64 3.95
N LEU B 223 23.31 -13.93 3.78
CA LEU B 223 23.67 -14.96 4.75
C LEU B 223 24.59 -15.99 4.10
N SER B 224 25.49 -16.55 4.91
CA SER B 224 26.44 -17.55 4.44
C SER B 224 25.95 -18.98 4.65
N SER B 225 25.05 -19.18 5.59
CA SER B 225 24.36 -20.43 5.81
C SER B 225 22.88 -20.13 6.01
N PRO B 226 22.00 -21.06 5.67
CA PRO B 226 20.58 -20.88 6.03
C PRO B 226 20.46 -20.73 7.54
N VAL B 227 19.62 -19.80 7.98
CA VAL B 227 19.43 -19.54 9.40
C VAL B 227 18.12 -20.18 9.86
N THR B 228 18.17 -20.91 10.97
CA THR B 228 16.97 -21.51 11.55
C THR B 228 16.67 -20.86 12.90
N LYS B 229 15.40 -20.53 13.12
CA LYS B 229 14.92 -20.18 14.44
C LYS B 229 13.80 -21.14 14.80
N SER B 230 13.85 -21.67 16.02
CA SER B 230 13.10 -22.85 16.41
C SER B 230 12.54 -22.69 17.81
N PHE B 231 11.51 -23.49 18.11
CA PHE B 231 11.06 -23.73 19.47
C PHE B 231 10.42 -25.10 19.53
N ASN B 232 10.25 -25.60 20.75
CA ASN B 232 9.53 -26.85 20.99
C ASN B 232 8.19 -26.54 21.65
N ARG B 233 7.13 -27.15 21.11
CA ARG B 233 5.79 -26.92 21.63
C ARG B 233 5.75 -27.20 23.13
N GLY B 234 5.14 -26.29 23.87
CA GLY B 234 4.94 -26.45 25.30
C GLY B 234 6.07 -25.94 26.18
N GLU B 235 7.25 -25.72 25.63
CA GLU B 235 8.38 -25.27 26.43
C GLU B 235 8.52 -23.75 26.44
N CYS B 236 7.54 -23.02 25.93
CA CYS B 236 7.49 -21.56 26.08
C CYS B 236 6.06 -21.07 25.86
#